data_2DSZ
#
_entry.id   2DSZ
#
_cell.length_a   63.120
_cell.length_b   66.210
_cell.length_c   108.060
_cell.angle_alpha   90.00
_cell.angle_beta   90.00
_cell.angle_gamma   90.00
#
_symmetry.space_group_name_H-M   'P 21 21 21'
#
loop_
_entity.id
_entity.type
_entity.pdbx_description
1 polymer 'Chitinase-3-like protein 1'
2 branched alpha-D-mannopyranose-(1-3)-[alpha-D-mannopyranose-(1-6)]alpha-D-mannopyranose-(1-4)-2-acetamido-2-deoxy-beta-D-glucopyranose-(1-4)-2-acetamido-2-deoxy-beta-D-glucopyranose
3 water water
#
_entity_poly.entity_id   1
_entity_poly.type   'polypeptide(L)'
_entity_poly.pdbx_seq_one_letter_code
;YKLICYYTSWSQYREGDGSCFPDAIDPFLCTHVIYSFANISNNEIDTWEWNDVTLYDTLNTLKNRNPKLKTLLSVGGWNF
GPERFSKIASKTQSRRTFIKSVPPFLRTHGFDGLDLAWLYPGRRDKRHLTALVKEMKAEFAREAQAGTERLLLSAAVSAG
KIAIDRGYDIAQISRHLDFISLLTYDFHGAWRQTVGHHSPLFRGNSDASSRFSNADYAVSYMLRLGAPANKLVMGIPTFG
RSFTLASSKTDVGAPISGPGIPGRFTKEKGILAYYEICDFLHGATTHRFRDQQVPYATKGNQWVAYDDQESVKNKARYLK
NRQLAGAMVWALDLDDFRGTFCGQNLTFPLTSAVKDVLARV
;
_entity_poly.pdbx_strand_id   A
#
loop_
_chem_comp.id
_chem_comp.type
_chem_comp.name
_chem_comp.formula
MAN D-saccharide, alpha linking alpha-D-mannopyranose 'C6 H12 O6'
NAG D-saccharide, beta linking 2-acetamido-2-deoxy-beta-D-glucopyranose 'C8 H15 N O6'
#
# COMPACT_ATOMS: atom_id res chain seq x y z
N TYR A 1 10.67 14.96 1.96
CA TYR A 1 9.93 13.83 1.33
C TYR A 1 9.31 12.89 2.37
N LYS A 2 8.09 12.43 2.09
CA LYS A 2 7.40 11.51 2.98
C LYS A 2 7.68 10.05 2.59
N LEU A 3 7.79 9.20 3.60
CA LEU A 3 8.02 7.78 3.38
C LEU A 3 6.93 7.07 4.20
N ILE A 4 5.82 6.77 3.55
CA ILE A 4 4.70 6.12 4.23
C ILE A 4 4.83 4.60 4.17
N CYS A 5 4.91 3.97 5.34
CA CYS A 5 5.08 2.54 5.40
C CYS A 5 3.95 1.82 6.17
N TYR A 6 3.37 0.80 5.52
CA TYR A 6 2.31 0.00 6.11
C TYR A 6 2.82 -1.22 6.89
N TYR A 7 2.22 -1.48 8.03
CA TYR A 7 2.54 -2.66 8.84
C TYR A 7 1.21 -3.43 8.92
N THR A 8 1.24 -4.74 8.70
CA THR A 8 -0.01 -5.49 8.79
C THR A 8 -0.14 -6.33 10.06
N SER A 9 -1.33 -6.26 10.66
CA SER A 9 -1.67 -6.99 11.88
C SER A 9 -1.43 -8.50 11.88
N TRP A 10 -1.87 -9.15 10.81
CA TRP A 10 -1.76 -10.60 10.70
C TRP A 10 -0.36 -11.16 10.46
N SER A 11 0.63 -10.29 10.21
CA SER A 11 1.97 -10.80 9.97
C SER A 11 2.61 -11.36 11.26
N GLN A 12 1.97 -11.14 12.39
CA GLN A 12 2.46 -11.64 13.67
C GLN A 12 2.29 -13.16 13.75
N TYR A 13 1.34 -13.70 12.98
CA TYR A 13 1.02 -15.12 12.99
C TYR A 13 1.88 -16.01 12.09
N ARG A 14 2.75 -15.42 11.29
CA ARG A 14 3.60 -16.20 10.40
C ARG A 14 4.64 -16.97 11.23
N GLU A 15 4.86 -18.23 10.85
CA GLU A 15 5.81 -19.07 11.58
C GLU A 15 7.27 -18.67 11.47
N GLY A 16 8.03 -19.04 12.51
CA GLY A 16 9.44 -18.75 12.57
C GLY A 16 9.82 -17.31 12.28
N ASP A 17 10.87 -17.16 11.48
CA ASP A 17 11.39 -15.85 11.10
C ASP A 17 10.35 -14.98 10.40
N GLY A 18 9.30 -15.61 9.87
CA GLY A 18 8.26 -14.85 9.18
C GLY A 18 7.47 -13.94 10.10
N SER A 19 7.40 -14.29 11.38
CA SER A 19 6.68 -13.51 12.37
C SER A 19 7.25 -12.09 12.48
N CYS A 20 6.36 -11.10 12.54
CA CYS A 20 6.79 -9.71 12.60
C CYS A 20 5.88 -8.84 13.48
N PHE A 21 6.48 -8.19 14.48
CA PHE A 21 5.74 -7.31 15.38
C PHE A 21 6.28 -5.88 15.19
N PRO A 22 5.50 -4.86 15.58
CA PRO A 22 5.91 -3.45 15.46
C PRO A 22 7.33 -3.28 15.96
N ASP A 23 7.68 -4.18 16.86
CA ASP A 23 8.98 -4.27 17.51
C ASP A 23 10.17 -4.18 16.54
N ALA A 24 10.09 -4.96 15.46
CA ALA A 24 11.14 -5.01 14.45
C ALA A 24 11.36 -3.76 13.60
N ILE A 25 10.42 -2.81 13.68
CA ILE A 25 10.52 -1.59 12.88
C ILE A 25 11.55 -0.54 13.28
N ASP A 26 12.42 -0.20 12.33
CA ASP A 26 13.43 0.83 12.52
C ASP A 26 12.66 2.14 12.63
N PRO A 27 12.74 2.82 13.79
CA PRO A 27 12.04 4.09 14.04
C PRO A 27 12.42 5.24 13.11
N PHE A 28 13.64 5.21 12.58
CA PHE A 28 14.12 6.27 11.72
C PHE A 28 14.00 6.01 10.22
N LEU A 29 13.48 4.83 9.89
CA LEU A 29 13.31 4.42 8.50
C LEU A 29 12.24 5.23 7.75
N CYS A 30 11.03 5.20 8.26
CA CYS A 30 9.91 5.89 7.63
C CYS A 30 9.55 7.18 8.37
N THR A 31 8.74 8.02 7.72
CA THR A 31 8.30 9.26 8.34
C THR A 31 6.92 8.96 8.94
N HIS A 32 6.24 7.99 8.34
CA HIS A 32 4.92 7.59 8.77
C HIS A 32 4.75 6.07 8.71
N VAL A 33 4.17 5.51 9.76
CA VAL A 33 3.91 4.09 9.77
C VAL A 33 2.40 3.95 9.92
N ILE A 34 1.79 3.17 9.04
CA ILE A 34 0.35 2.95 9.10
C ILE A 34 0.06 1.51 9.52
N TYR A 35 -0.76 1.38 10.55
CA TYR A 35 -1.17 0.08 11.08
C TYR A 35 -2.41 -0.37 10.32
N SER A 36 -2.43 -1.61 9.85
CA SER A 36 -3.57 -2.14 9.11
C SER A 36 -4.05 -3.44 9.78
N PHE A 37 -5.35 -3.59 9.99
CA PHE A 37 -6.37 -2.60 9.66
C PHE A 37 -7.30 -2.48 10.86
N ALA A 38 -7.99 -1.35 10.95
CA ALA A 38 -8.95 -1.14 12.02
C ALA A 38 -10.24 -1.68 11.40
N ASN A 39 -11.23 -1.96 12.24
CA ASN A 39 -12.52 -2.48 11.79
C ASN A 39 -13.64 -1.55 12.24
N ILE A 40 -14.87 -1.88 11.83
CA ILE A 40 -16.03 -1.08 12.22
C ILE A 40 -17.15 -1.97 12.79
N SER A 41 -17.56 -1.66 14.01
CA SER A 41 -18.63 -2.40 14.69
C SER A 41 -19.63 -1.35 15.16
N ASN A 42 -20.92 -1.62 14.98
CA ASN A 42 -21.96 -0.68 15.39
C ASN A 42 -21.61 0.75 14.97
N ASN A 43 -21.24 0.89 13.71
CA ASN A 43 -20.86 2.15 13.08
C ASN A 43 -19.79 2.94 13.86
N GLU A 44 -18.92 2.23 14.54
CA GLU A 44 -17.85 2.84 15.32
C GLU A 44 -16.52 2.14 15.02
N ILE A 45 -15.44 2.92 14.95
CA ILE A 45 -14.14 2.33 14.69
C ILE A 45 -13.81 1.39 15.83
N ASP A 46 -13.24 0.23 15.51
CA ASP A 46 -12.91 -0.74 16.53
C ASP A 46 -11.69 -1.56 16.16
N THR A 47 -11.14 -2.27 17.13
CA THR A 47 -9.97 -3.10 16.93
C THR A 47 -10.33 -4.31 16.06
N TRP A 48 -9.31 -5.00 15.57
CA TRP A 48 -9.51 -6.16 14.72
C TRP A 48 -8.96 -7.44 15.37
N GLU A 49 -7.67 -7.44 15.68
CA GLU A 49 -7.03 -8.59 16.33
C GLU A 49 -7.24 -8.50 17.84
N TRP A 50 -7.36 -9.66 18.48
CA TRP A 50 -7.56 -9.72 19.93
C TRP A 50 -6.53 -8.88 20.69
N ASN A 51 -5.30 -8.86 20.20
CA ASN A 51 -4.24 -8.11 20.87
C ASN A 51 -3.82 -6.77 20.22
N ASP A 52 -4.69 -6.20 19.38
CA ASP A 52 -4.37 -4.91 18.74
C ASP A 52 -3.97 -3.83 19.73
N VAL A 53 -4.70 -3.75 20.84
CA VAL A 53 -4.41 -2.75 21.87
C VAL A 53 -2.97 -2.87 22.34
N THR A 54 -2.45 -4.09 22.36
CA THR A 54 -1.07 -4.30 22.80
C THR A 54 -0.10 -3.89 21.68
N LEU A 55 -0.44 -4.25 20.44
CA LEU A 55 0.39 -3.91 19.31
C LEU A 55 0.36 -2.41 19.00
N TYR A 56 -0.77 -1.77 19.30
CA TYR A 56 -0.91 -0.33 19.08
C TYR A 56 0.16 0.35 19.95
N ASP A 57 0.17 -0.04 21.22
CA ASP A 57 1.09 0.49 22.20
C ASP A 57 2.53 0.21 21.81
N THR A 58 2.80 -1.00 21.34
CA THR A 58 4.14 -1.36 20.92
C THR A 58 4.57 -0.44 19.78
N LEU A 59 3.70 -0.31 18.77
CA LEU A 59 3.97 0.54 17.62
C LEU A 59 4.23 1.99 17.98
N ASN A 60 3.40 2.55 18.85
CA ASN A 60 3.58 3.94 19.23
C ASN A 60 4.73 4.23 20.20
N THR A 61 5.34 3.21 20.77
CA THR A 61 6.48 3.46 21.66
C THR A 61 7.67 3.89 20.80
N LEU A 62 7.69 3.44 19.55
CA LEU A 62 8.76 3.78 18.62
C LEU A 62 8.92 5.31 18.56
N LYS A 63 7.84 6.03 18.89
CA LYS A 63 7.89 7.48 18.89
C LYS A 63 8.70 8.04 20.06
N ASN A 64 9.07 7.17 20.99
CA ASN A 64 9.91 7.58 22.12
C ASN A 64 11.34 7.68 21.59
N ARG A 65 11.66 6.86 20.59
CA ARG A 65 12.98 6.87 19.99
C ARG A 65 13.10 7.92 18.88
N ASN A 66 12.05 8.07 18.08
CA ASN A 66 12.03 9.05 17.00
C ASN A 66 10.83 9.97 17.20
N PRO A 67 11.06 11.13 17.81
CA PRO A 67 10.06 12.17 18.12
C PRO A 67 9.29 12.70 16.92
N LYS A 68 9.85 12.57 15.72
CA LYS A 68 9.18 13.06 14.53
C LYS A 68 8.29 12.03 13.84
N LEU A 69 8.49 10.76 14.16
CA LEU A 69 7.72 9.68 13.58
C LEU A 69 6.22 9.84 13.83
N LYS A 70 5.43 9.73 12.76
CA LYS A 70 3.97 9.83 12.87
C LYS A 70 3.34 8.48 12.59
N THR A 71 2.26 8.15 13.30
CA THR A 71 1.59 6.90 13.06
C THR A 71 0.13 7.10 12.69
N LEU A 72 -0.40 6.19 11.91
CA LEU A 72 -1.80 6.25 11.51
C LEU A 72 -2.38 4.88 11.59
N LEU A 73 -3.69 4.82 11.79
CA LEU A 73 -4.41 3.56 11.85
C LEU A 73 -5.26 3.56 10.59
N SER A 74 -5.25 2.46 9.87
CA SER A 74 -6.03 2.36 8.65
C SER A 74 -7.34 1.61 8.85
N VAL A 75 -8.44 2.16 8.33
CA VAL A 75 -9.75 1.51 8.40
C VAL A 75 -10.07 0.91 7.03
N GLY A 76 -10.58 -0.31 7.02
CA GLY A 76 -10.92 -0.95 5.75
C GLY A 76 -10.08 -2.17 5.40
N GLY A 77 -9.49 -2.13 4.21
CA GLY A 77 -8.67 -3.24 3.76
C GLY A 77 -9.45 -4.16 2.83
N TRP A 78 -8.81 -5.19 2.30
CA TRP A 78 -9.49 -6.12 1.39
C TRP A 78 -10.40 -7.13 2.04
N ASN A 79 -10.12 -7.50 3.27
CA ASN A 79 -10.99 -8.45 3.96
C ASN A 79 -12.15 -7.71 4.60
N PHE A 80 -12.26 -6.43 4.27
CA PHE A 80 -13.32 -5.57 4.79
C PHE A 80 -14.27 -5.26 3.63
N GLY A 81 -15.41 -5.93 3.63
CA GLY A 81 -16.39 -5.75 2.56
C GLY A 81 -16.65 -4.33 2.10
N PRO A 82 -16.44 -4.05 0.79
CA PRO A 82 -16.67 -2.71 0.22
C PRO A 82 -18.10 -2.25 0.48
N GLU A 83 -19.03 -3.20 0.46
CA GLU A 83 -20.45 -2.93 0.68
C GLU A 83 -20.67 -2.39 2.09
N ARG A 84 -19.93 -2.96 3.03
CA ARG A 84 -20.01 -2.55 4.42
C ARG A 84 -19.67 -1.06 4.52
N PHE A 85 -18.65 -0.63 3.78
CA PHE A 85 -18.24 0.76 3.76
C PHE A 85 -19.35 1.56 3.09
N SER A 86 -19.81 1.02 1.96
CA SER A 86 -20.85 1.66 1.17
C SER A 86 -22.10 1.93 2.02
N LYS A 87 -22.46 0.97 2.86
CA LYS A 87 -23.63 1.09 3.72
C LYS A 87 -23.46 2.13 4.83
N ILE A 88 -22.25 2.24 5.37
CA ILE A 88 -21.98 3.20 6.43
C ILE A 88 -22.01 4.63 5.89
N ALA A 89 -21.40 4.83 4.72
CA ALA A 89 -21.32 6.15 4.10
C ALA A 89 -22.60 6.71 3.46
N SER A 90 -23.51 5.84 3.04
CA SER A 90 -24.76 6.29 2.42
C SER A 90 -25.73 6.97 3.39
N LYS A 91 -25.85 6.43 4.60
CA LYS A 91 -26.76 7.01 5.58
C LYS A 91 -26.04 8.05 6.45
N THR A 92 -26.47 9.30 6.36
CA THR A 92 -25.85 10.36 7.14
C THR A 92 -25.88 10.05 8.63
N GLN A 93 -26.78 9.16 9.05
CA GLN A 93 -26.89 8.81 10.46
C GLN A 93 -25.74 7.91 10.91
N SER A 94 -25.39 6.93 10.09
CA SER A 94 -24.31 6.03 10.43
C SER A 94 -22.94 6.66 10.12
N ARG A 95 -22.92 7.58 9.17
CA ARG A 95 -21.68 8.26 8.80
C ARG A 95 -21.21 9.19 9.90
N ARG A 96 -22.12 9.98 10.45
CA ARG A 96 -21.80 10.91 11.52
C ARG A 96 -21.40 10.15 12.79
N THR A 97 -22.03 9.00 13.01
CA THR A 97 -21.72 8.17 14.17
C THR A 97 -20.30 7.65 14.10
N PHE A 98 -19.92 7.16 12.92
CA PHE A 98 -18.58 6.63 12.70
C PHE A 98 -17.55 7.74 12.86
N ILE A 99 -17.80 8.87 12.20
CA ILE A 99 -16.91 10.02 12.26
C ILE A 99 -16.64 10.49 13.69
N LYS A 100 -17.70 10.57 14.50
CA LYS A 100 -17.57 11.00 15.89
C LYS A 100 -16.75 10.06 16.76
N SER A 101 -16.80 8.76 16.47
CA SER A 101 -16.08 7.78 17.26
C SER A 101 -14.58 7.66 16.99
N VAL A 102 -14.12 8.25 15.90
CA VAL A 102 -12.71 8.15 15.52
C VAL A 102 -11.70 8.96 16.36
N PRO A 103 -11.86 10.29 16.47
CA PRO A 103 -10.91 11.07 17.26
C PRO A 103 -10.57 10.52 18.66
N PRO A 104 -11.60 10.20 19.47
CA PRO A 104 -11.34 9.65 20.81
C PRO A 104 -10.58 8.33 20.79
N PHE A 105 -10.86 7.50 19.81
CA PHE A 105 -10.20 6.22 19.67
C PHE A 105 -8.71 6.43 19.37
N LEU A 106 -8.44 7.19 18.33
CA LEU A 106 -7.08 7.52 17.93
C LEU A 106 -6.31 8.16 19.07
N ARG A 107 -6.97 9.05 19.80
CA ARG A 107 -6.36 9.76 20.91
C ARG A 107 -5.99 8.79 22.04
N THR A 108 -6.92 7.89 22.35
CA THR A 108 -6.69 6.92 23.41
C THR A 108 -5.46 6.05 23.13
N HIS A 109 -5.36 5.53 21.91
CA HIS A 109 -4.26 4.66 21.55
C HIS A 109 -3.01 5.35 21.00
N GLY A 110 -3.01 6.67 20.98
CA GLY A 110 -1.84 7.41 20.53
C GLY A 110 -1.54 7.46 19.05
N PHE A 111 -2.57 7.50 18.21
CA PHE A 111 -2.36 7.60 16.77
C PHE A 111 -2.44 9.05 16.39
N ASP A 112 -1.68 9.44 15.36
CA ASP A 112 -1.67 10.81 14.90
C ASP A 112 -2.69 11.04 13.81
N GLY A 113 -3.24 9.98 13.27
CA GLY A 113 -4.22 10.13 12.21
C GLY A 113 -4.95 8.87 11.76
N LEU A 114 -5.81 9.07 10.77
CA LEU A 114 -6.62 8.00 10.20
C LEU A 114 -6.41 7.82 8.72
N ASP A 115 -6.24 6.58 8.30
CA ASP A 115 -6.08 6.27 6.89
C ASP A 115 -7.28 5.46 6.37
N LEU A 116 -7.92 5.98 5.35
CA LEU A 116 -9.09 5.33 4.75
C LEU A 116 -8.70 4.36 3.66
N ALA A 117 -9.10 3.11 3.85
CA ALA A 117 -8.81 2.07 2.87
C ALA A 117 -10.09 1.43 2.34
N TRP A 118 -10.95 2.25 1.73
CA TRP A 118 -12.21 1.76 1.13
C TRP A 118 -11.81 1.16 -0.21
N LEU A 119 -11.89 -0.16 -0.35
CA LEU A 119 -11.51 -0.82 -1.60
C LEU A 119 -12.61 -1.72 -2.17
N TYR A 120 -13.43 -1.22 -3.10
CA TYR A 120 -13.37 0.14 -3.61
C TYR A 120 -14.76 0.69 -3.75
N PRO A 121 -14.90 2.02 -3.76
CA PRO A 121 -16.23 2.59 -3.91
C PRO A 121 -16.63 2.42 -5.39
N GLY A 122 -17.90 2.13 -5.64
CA GLY A 122 -18.35 1.96 -7.00
C GLY A 122 -18.90 3.26 -7.54
N ARG A 123 -19.53 3.20 -8.72
CA ARG A 123 -20.13 4.37 -9.34
C ARG A 123 -21.13 5.03 -8.39
N ARG A 124 -21.90 4.21 -7.68
CA ARG A 124 -22.90 4.73 -6.75
C ARG A 124 -22.31 5.23 -5.42
N ASP A 125 -21.01 5.12 -5.25
CA ASP A 125 -20.37 5.57 -4.01
C ASP A 125 -19.66 6.92 -4.06
N LYS A 126 -19.16 7.31 -5.23
CA LYS A 126 -18.43 8.56 -5.38
C LYS A 126 -18.93 9.73 -4.51
N ARG A 127 -20.21 10.04 -4.60
CA ARG A 127 -20.81 11.13 -3.84
C ARG A 127 -20.61 10.96 -2.32
N HIS A 128 -20.87 9.75 -1.83
CA HIS A 128 -20.75 9.45 -0.41
C HIS A 128 -19.31 9.44 0.11
N LEU A 129 -18.36 9.03 -0.73
CA LEU A 129 -16.96 9.02 -0.33
C LEU A 129 -16.56 10.47 -0.05
N THR A 130 -16.97 11.36 -0.94
CA THR A 130 -16.69 12.79 -0.83
C THR A 130 -17.20 13.35 0.49
N ALA A 131 -18.42 12.95 0.86
CA ALA A 131 -19.06 13.41 2.09
C ALA A 131 -18.33 12.88 3.31
N LEU A 132 -17.87 11.64 3.23
CA LEU A 132 -17.16 11.04 4.35
C LEU A 132 -15.86 11.78 4.62
N VAL A 133 -15.11 12.05 3.57
CA VAL A 133 -13.84 12.75 3.65
C VAL A 133 -14.00 14.18 4.15
N LYS A 134 -15.00 14.87 3.59
CA LYS A 134 -15.27 16.26 3.95
C LYS A 134 -15.67 16.39 5.42
N GLU A 135 -16.60 15.55 5.84
CA GLU A 135 -17.06 15.56 7.23
C GLU A 135 -16.01 15.05 8.20
N MET A 136 -15.24 14.05 7.80
CA MET A 136 -14.21 13.51 8.67
C MET A 136 -13.15 14.58 8.95
N LYS A 137 -12.81 15.35 7.93
CA LYS A 137 -11.82 16.42 8.05
C LYS A 137 -12.37 17.55 8.93
N ALA A 138 -13.64 17.87 8.74
CA ALA A 138 -14.30 18.91 9.53
C ALA A 138 -14.30 18.53 11.02
N GLU A 139 -14.54 17.27 11.32
CA GLU A 139 -14.55 16.79 12.70
C GLU A 139 -13.13 16.86 13.28
N PHE A 140 -12.12 16.56 12.45
CA PHE A 140 -10.74 16.61 12.89
C PHE A 140 -10.29 18.04 13.19
N ALA A 141 -10.78 18.98 12.38
CA ALA A 141 -10.44 20.40 12.55
C ALA A 141 -11.08 20.94 13.81
N ARG A 142 -12.29 20.46 14.09
CA ARG A 142 -13.06 20.88 15.25
C ARG A 142 -12.40 20.38 16.53
N GLU A 143 -11.94 19.14 16.50
CA GLU A 143 -11.29 18.53 17.65
C GLU A 143 -9.97 19.23 17.98
N ALA A 144 -9.32 19.79 16.97
CA ALA A 144 -8.06 20.49 17.16
C ALA A 144 -8.25 21.78 17.98
N GLN A 145 -9.47 22.28 18.04
CA GLN A 145 -9.77 23.50 18.79
C GLN A 145 -9.50 23.28 20.28
N ALA A 146 -9.51 22.02 20.70
CA ALA A 146 -9.26 21.67 22.09
C ALA A 146 -7.80 21.87 22.48
N GLY A 147 -7.03 22.48 21.59
CA GLY A 147 -5.62 22.75 21.88
C GLY A 147 -4.63 21.63 21.59
N THR A 148 -5.01 20.69 20.75
CA THR A 148 -4.12 19.59 20.42
C THR A 148 -3.82 19.55 18.93
N GLU A 149 -2.69 18.93 18.56
CA GLU A 149 -2.28 18.81 17.17
C GLU A 149 -3.33 18.08 16.34
N ARG A 150 -3.79 18.73 15.28
CA ARG A 150 -4.80 18.17 14.40
C ARG A 150 -4.44 16.79 13.84
N LEU A 151 -5.40 15.87 13.90
CA LEU A 151 -5.18 14.52 13.39
C LEU A 151 -5.07 14.55 11.86
N LEU A 152 -4.22 13.67 11.33
CA LEU A 152 -4.03 13.59 9.90
C LEU A 152 -5.09 12.70 9.25
N LEU A 153 -5.42 13.01 8.01
CA LEU A 153 -6.40 12.23 7.27
C LEU A 153 -5.87 11.87 5.87
N SER A 154 -5.68 10.57 5.65
CA SER A 154 -5.20 10.12 4.35
C SER A 154 -6.13 9.04 3.77
N ALA A 155 -5.87 8.69 2.52
CA ALA A 155 -6.65 7.66 1.85
C ALA A 155 -5.82 6.86 0.85
N ALA A 156 -6.06 5.56 0.77
CA ALA A 156 -5.36 4.70 -0.18
C ALA A 156 -6.30 4.66 -1.36
N VAL A 157 -5.82 5.06 -2.52
CA VAL A 157 -6.68 5.11 -3.69
C VAL A 157 -6.21 4.24 -4.86
N SER A 158 -7.17 3.66 -5.58
CA SER A 158 -6.88 2.83 -6.74
C SER A 158 -6.09 3.59 -7.79
N ALA A 159 -5.25 2.87 -8.52
CA ALA A 159 -4.42 3.49 -9.56
C ALA A 159 -4.93 3.16 -10.97
N GLY A 160 -6.05 2.42 -11.04
CA GLY A 160 -6.63 2.06 -12.33
C GLY A 160 -7.59 3.12 -12.83
N LYS A 161 -7.33 3.65 -14.02
CA LYS A 161 -8.15 4.70 -14.63
C LYS A 161 -9.65 4.52 -14.50
N ILE A 162 -10.15 3.35 -14.89
CA ILE A 162 -11.58 3.06 -14.81
C ILE A 162 -12.07 3.11 -13.36
N ALA A 163 -11.33 2.48 -12.46
CA ALA A 163 -11.70 2.48 -11.04
C ALA A 163 -11.73 3.91 -10.53
N ILE A 164 -10.80 4.73 -10.98
CA ILE A 164 -10.73 6.13 -10.55
C ILE A 164 -11.92 6.96 -11.06
N ASP A 165 -12.25 6.84 -12.34
CA ASP A 165 -13.37 7.59 -12.91
C ASP A 165 -14.68 7.16 -12.25
N ARG A 166 -14.82 5.85 -12.06
CA ARG A 166 -16.01 5.27 -11.50
C ARG A 166 -16.41 5.70 -10.08
N GLY A 167 -15.47 5.62 -9.12
CA GLY A 167 -15.82 5.97 -7.76
C GLY A 167 -15.09 7.07 -7.02
N TYR A 168 -14.35 7.91 -7.72
CA TYR A 168 -13.62 8.96 -7.03
C TYR A 168 -13.80 10.37 -7.61
N ASP A 169 -13.95 11.34 -6.72
CA ASP A 169 -14.05 12.73 -7.12
C ASP A 169 -12.71 13.29 -6.61
N ILE A 170 -11.65 12.98 -7.36
CA ILE A 170 -10.28 13.38 -7.04
C ILE A 170 -10.09 14.86 -6.72
N ALA A 171 -10.63 15.74 -7.55
CA ALA A 171 -10.50 17.18 -7.31
C ALA A 171 -11.12 17.60 -5.97
N GLN A 172 -12.20 16.94 -5.59
CA GLN A 172 -12.89 17.25 -4.33
C GLN A 172 -12.20 16.72 -3.07
N ILE A 173 -11.84 15.44 -3.05
CA ILE A 173 -11.21 14.86 -1.87
C ILE A 173 -9.75 15.30 -1.67
N SER A 174 -9.08 15.65 -2.76
CA SER A 174 -7.69 16.10 -2.68
C SER A 174 -7.52 17.33 -1.79
N ARG A 175 -8.54 18.18 -1.76
CA ARG A 175 -8.47 19.40 -0.96
C ARG A 175 -8.70 19.18 0.53
N HIS A 176 -9.21 18.00 0.89
CA HIS A 176 -9.47 17.67 2.29
C HIS A 176 -8.51 16.64 2.88
N LEU A 177 -7.84 15.87 2.03
CA LEU A 177 -6.90 14.87 2.52
C LEU A 177 -5.50 15.45 2.73
N ASP A 178 -4.78 14.90 3.70
CA ASP A 178 -3.42 15.35 3.98
C ASP A 178 -2.47 14.79 2.92
N PHE A 179 -2.74 13.57 2.48
CA PHE A 179 -1.99 12.93 1.43
C PHE A 179 -2.77 11.77 0.84
N ILE A 180 -2.41 11.40 -0.39
CA ILE A 180 -3.08 10.33 -1.11
C ILE A 180 -2.08 9.27 -1.58
N SER A 181 -2.33 8.02 -1.20
CA SER A 181 -1.47 6.92 -1.62
C SER A 181 -2.05 6.24 -2.85
N LEU A 182 -1.28 6.21 -3.93
CA LEU A 182 -1.71 5.56 -5.18
C LEU A 182 -1.31 4.08 -5.16
N LEU A 183 -2.30 3.20 -5.26
CA LEU A 183 -2.03 1.75 -5.24
C LEU A 183 -1.47 1.30 -6.58
N THR A 184 -0.31 1.83 -6.94
CA THR A 184 0.36 1.54 -8.19
C THR A 184 1.04 0.18 -8.27
N TYR A 185 0.36 -0.87 -7.84
CA TYR A 185 0.95 -2.20 -7.87
C TYR A 185 -0.09 -3.30 -7.99
N ASP A 186 -1.25 -2.94 -8.54
CA ASP A 186 -2.33 -3.89 -8.74
C ASP A 186 -2.76 -3.64 -10.18
N PHE A 187 -1.76 -3.52 -11.05
CA PHE A 187 -1.98 -3.25 -12.46
C PHE A 187 -2.27 -4.48 -13.31
N HIS A 188 -1.58 -5.58 -13.08
CA HIS A 188 -1.90 -6.76 -13.87
C HIS A 188 -3.28 -7.13 -13.37
N GLY A 189 -4.04 -7.89 -14.16
CA GLY A 189 -5.39 -8.23 -13.75
C GLY A 189 -5.72 -9.64 -13.32
N ALA A 190 -5.93 -9.80 -12.01
CA ALA A 190 -6.27 -11.09 -11.41
C ALA A 190 -7.33 -11.86 -12.20
N TRP A 191 -7.91 -11.23 -13.21
CA TRP A 191 -8.95 -11.89 -14.01
C TRP A 191 -8.53 -12.90 -15.09
N ARG A 192 -7.43 -12.67 -15.79
CA ARG A 192 -7.07 -13.63 -16.84
C ARG A 192 -5.73 -14.37 -16.86
N GLN A 193 -5.75 -15.46 -17.62
CA GLN A 193 -4.66 -16.42 -17.80
C GLN A 193 -3.39 -16.03 -18.54
N THR A 194 -2.77 -14.92 -18.20
CA THR A 194 -1.52 -14.57 -18.88
C THR A 194 -0.47 -13.98 -17.97
N VAL A 195 0.78 -14.30 -18.28
CA VAL A 195 1.92 -13.82 -17.52
C VAL A 195 2.03 -12.30 -17.73
N GLY A 196 2.30 -11.58 -16.64
CA GLY A 196 2.42 -10.13 -16.72
C GLY A 196 2.81 -9.49 -15.39
N HIS A 197 3.48 -8.35 -15.45
CA HIS A 197 3.92 -7.63 -14.27
C HIS A 197 2.84 -6.70 -13.70
N HIS A 198 2.62 -6.81 -12.39
CA HIS A 198 1.62 -6.03 -11.66
C HIS A 198 2.00 -4.59 -11.31
N SER A 199 3.28 -4.27 -11.35
CA SER A 199 3.72 -2.92 -11.01
C SER A 199 4.65 -2.28 -12.04
N PRO A 200 4.25 -2.30 -13.33
CA PRO A 200 5.10 -1.70 -14.38
C PRO A 200 5.25 -0.21 -14.14
N LEU A 201 6.46 0.30 -14.29
CA LEU A 201 6.67 1.73 -14.12
C LEU A 201 6.17 2.42 -15.39
N PHE A 202 6.69 1.98 -16.54
CA PHE A 202 6.30 2.57 -17.80
C PHE A 202 5.37 1.72 -18.65
N ARG A 203 4.73 2.37 -19.61
CA ARG A 203 3.75 1.77 -20.52
C ARG A 203 4.17 0.52 -21.27
N GLY A 204 5.37 0.53 -21.85
CA GLY A 204 5.80 -0.61 -22.62
C GLY A 204 5.65 -0.31 -24.10
N ASN A 205 6.76 0.07 -24.71
CA ASN A 205 6.81 0.42 -26.12
C ASN A 205 6.28 -0.74 -26.99
N SER A 206 5.92 -1.86 -26.36
CA SER A 206 5.47 -3.01 -27.14
C SER A 206 4.13 -3.73 -26.97
N ASP A 207 3.08 -3.05 -26.48
CA ASP A 207 1.77 -3.70 -26.41
C ASP A 207 0.62 -2.72 -26.19
N ALA A 208 0.08 -2.30 -27.34
CA ALA A 208 -1.01 -1.34 -27.50
C ALA A 208 -2.09 -1.17 -26.44
N SER A 209 -2.97 -2.16 -26.28
CA SER A 209 -4.05 -2.05 -25.31
C SER A 209 -3.58 -2.00 -23.86
N SER A 210 -4.33 -1.26 -23.05
CA SER A 210 -4.05 -1.08 -21.63
C SER A 210 -2.79 -0.28 -21.33
N ARG A 211 -2.68 0.90 -21.92
CA ARG A 211 -1.54 1.78 -21.67
C ARG A 211 -1.81 2.46 -20.33
N PHE A 212 -3.00 2.21 -19.80
CA PHE A 212 -3.39 2.80 -18.51
C PHE A 212 -2.90 1.99 -17.34
N SER A 213 -2.40 0.79 -17.60
CA SER A 213 -1.93 -0.09 -16.53
C SER A 213 -0.46 0.00 -16.15
N ASN A 214 -0.02 1.18 -15.75
CA ASN A 214 1.35 1.41 -15.33
C ASN A 214 1.39 2.68 -14.48
N ALA A 215 2.35 2.75 -13.57
CA ALA A 215 2.47 3.88 -12.66
C ALA A 215 2.52 5.26 -13.32
N ASP A 216 3.30 5.37 -14.39
CA ASP A 216 3.44 6.63 -15.10
C ASP A 216 2.11 7.22 -15.55
N TYR A 217 1.25 6.40 -16.15
CA TYR A 217 -0.05 6.90 -16.58
C TYR A 217 -0.93 7.27 -15.37
N ALA A 218 -0.88 6.44 -14.33
CA ALA A 218 -1.68 6.67 -13.12
C ALA A 218 -1.37 8.03 -12.49
N VAL A 219 -0.09 8.33 -12.36
CA VAL A 219 0.36 9.60 -11.79
C VAL A 219 -0.03 10.78 -12.68
N SER A 220 0.24 10.66 -13.98
CA SER A 220 -0.10 11.72 -14.93
C SER A 220 -1.60 11.99 -14.89
N TYR A 221 -2.38 10.93 -14.76
CA TYR A 221 -3.82 11.06 -14.72
C TYR A 221 -4.34 11.74 -13.45
N MET A 222 -3.75 11.42 -12.30
CA MET A 222 -4.16 12.02 -11.04
C MET A 222 -3.83 13.50 -11.03
N LEU A 223 -2.70 13.87 -11.65
CA LEU A 223 -2.30 15.27 -11.72
C LEU A 223 -3.24 16.02 -12.64
N ARG A 224 -3.68 15.34 -13.70
CA ARG A 224 -4.59 15.91 -14.67
C ARG A 224 -5.97 16.15 -14.05
N LEU A 225 -6.38 15.22 -13.19
CA LEU A 225 -7.69 15.30 -12.55
C LEU A 225 -7.70 16.31 -11.40
N GLY A 226 -6.56 16.92 -11.11
CA GLY A 226 -6.53 17.91 -10.05
C GLY A 226 -5.83 17.61 -8.75
N ALA A 227 -5.33 16.39 -8.58
CA ALA A 227 -4.63 16.06 -7.33
C ALA A 227 -3.29 16.78 -7.36
N PRO A 228 -3.03 17.62 -6.35
CA PRO A 228 -1.76 18.36 -6.28
C PRO A 228 -0.59 17.39 -6.09
N ALA A 229 0.51 17.63 -6.78
CA ALA A 229 1.69 16.77 -6.66
C ALA A 229 2.17 16.67 -5.20
N ASN A 230 2.12 17.80 -4.48
CA ASN A 230 2.57 17.82 -3.08
C ASN A 230 1.68 17.02 -2.12
N LYS A 231 0.71 16.28 -2.67
CA LYS A 231 -0.17 15.46 -1.85
C LYS A 231 -0.20 14.00 -2.32
N LEU A 232 0.37 13.75 -3.48
CA LEU A 232 0.41 12.41 -4.07
C LEU A 232 1.60 11.58 -3.60
N VAL A 233 1.31 10.34 -3.24
CA VAL A 233 2.33 9.42 -2.78
C VAL A 233 2.25 8.17 -3.65
N MET A 234 3.39 7.80 -4.24
CA MET A 234 3.41 6.63 -5.11
C MET A 234 3.70 5.34 -4.35
N GLY A 235 2.78 4.38 -4.49
CA GLY A 235 2.93 3.11 -3.82
C GLY A 235 3.92 2.18 -4.49
N ILE A 236 4.79 1.60 -3.67
CA ILE A 236 5.83 0.68 -4.13
C ILE A 236 5.65 -0.66 -3.42
N PRO A 237 5.47 -1.74 -4.19
CA PRO A 237 5.29 -3.06 -3.57
C PRO A 237 6.59 -3.64 -3.01
N THR A 238 6.46 -4.38 -1.93
CA THR A 238 7.61 -5.00 -1.31
C THR A 238 7.42 -6.51 -1.45
N PHE A 239 6.31 -6.89 -2.09
CA PHE A 239 5.98 -8.29 -2.34
C PHE A 239 6.04 -8.56 -3.84
N GLY A 240 5.81 -9.81 -4.21
CA GLY A 240 5.80 -10.18 -5.62
C GLY A 240 4.57 -11.02 -5.92
N ARG A 241 4.23 -11.14 -7.20
CA ARG A 241 3.10 -11.96 -7.56
C ARG A 241 3.57 -13.15 -8.37
N SER A 242 3.05 -14.32 -8.02
CA SER A 242 3.42 -15.57 -8.69
C SER A 242 2.33 -16.18 -9.55
N PHE A 243 2.74 -17.01 -10.50
CA PHE A 243 1.83 -17.69 -11.41
C PHE A 243 2.41 -19.07 -11.75
N THR A 244 1.52 -20.04 -11.92
CA THR A 244 1.95 -21.38 -12.31
C THR A 244 1.80 -21.43 -13.84
N LEU A 245 2.90 -21.70 -14.53
CA LEU A 245 2.91 -21.75 -15.99
C LEU A 245 2.18 -22.96 -16.58
N ALA A 246 1.36 -22.70 -17.59
CA ALA A 246 0.61 -23.76 -18.27
C ALA A 246 1.45 -24.34 -19.39
N SER A 247 2.62 -23.75 -19.63
CA SER A 247 3.50 -24.24 -20.68
C SER A 247 4.96 -23.91 -20.43
N SER A 248 5.82 -24.43 -21.30
CA SER A 248 7.26 -24.21 -21.21
C SER A 248 7.63 -22.79 -21.64
N LYS A 249 6.62 -22.01 -22.01
CA LYS A 249 6.82 -20.64 -22.46
C LYS A 249 6.99 -19.70 -21.27
N THR A 250 8.13 -18.99 -21.23
CA THR A 250 8.44 -18.08 -20.14
C THR A 250 8.26 -16.59 -20.48
N ASP A 251 8.48 -16.25 -21.75
CA ASP A 251 8.37 -14.86 -22.19
C ASP A 251 6.98 -14.25 -22.06
N VAL A 252 6.91 -12.93 -22.23
CA VAL A 252 5.66 -12.18 -22.12
C VAL A 252 4.53 -12.83 -22.91
N GLY A 253 3.33 -12.81 -22.32
CA GLY A 253 2.16 -13.39 -22.97
C GLY A 253 2.03 -14.90 -22.81
N ALA A 254 2.85 -15.48 -21.95
CA ALA A 254 2.81 -16.94 -21.71
C ALA A 254 1.56 -17.38 -20.97
N PRO A 255 0.96 -18.50 -21.41
CA PRO A 255 -0.24 -19.08 -20.81
C PRO A 255 -0.09 -19.37 -19.32
N ILE A 256 -1.15 -19.11 -18.56
CA ILE A 256 -1.15 -19.33 -17.13
C ILE A 256 -2.28 -20.25 -16.69
N SER A 257 -1.94 -21.28 -15.92
CA SER A 257 -2.95 -22.21 -15.42
C SER A 257 -3.52 -21.74 -14.08
N GLY A 258 -2.79 -20.85 -13.41
CA GLY A 258 -3.26 -20.35 -12.12
C GLY A 258 -2.17 -19.65 -11.31
N PRO A 259 -2.45 -19.34 -10.05
CA PRO A 259 -1.50 -18.68 -9.14
C PRO A 259 -0.31 -19.58 -8.80
N GLY A 260 0.82 -18.96 -8.46
CA GLY A 260 2.00 -19.73 -8.10
C GLY A 260 1.75 -20.39 -6.76
N ILE A 261 2.60 -21.36 -6.41
CA ILE A 261 2.45 -22.04 -5.12
C ILE A 261 2.83 -21.10 -3.99
N PRO A 262 2.22 -21.28 -2.81
CA PRO A 262 2.47 -20.47 -1.62
C PRO A 262 3.92 -20.50 -1.15
N GLY A 263 4.32 -19.47 -0.42
CA GLY A 263 5.66 -19.40 0.12
C GLY A 263 5.66 -20.06 1.48
N ARG A 264 6.82 -20.51 1.94
CA ARG A 264 6.93 -21.18 3.24
C ARG A 264 6.32 -20.38 4.39
N PHE A 265 6.62 -19.09 4.46
CA PHE A 265 6.10 -18.25 5.55
C PHE A 265 4.83 -17.49 5.23
N THR A 266 4.66 -17.12 3.97
CA THR A 266 3.50 -16.35 3.53
C THR A 266 2.22 -17.17 3.40
N LYS A 267 2.37 -18.42 2.96
CA LYS A 267 1.23 -19.32 2.81
C LYS A 267 0.02 -18.71 2.11
N GLU A 268 0.24 -18.10 0.94
CA GLU A 268 -0.86 -17.50 0.19
C GLU A 268 -0.57 -17.56 -1.31
N LYS A 269 -1.35 -18.38 -2.02
CA LYS A 269 -1.19 -18.54 -3.46
C LYS A 269 -1.25 -17.20 -4.21
N GLY A 270 -0.30 -17.00 -5.11
CA GLY A 270 -0.28 -15.78 -5.90
C GLY A 270 0.67 -14.70 -5.42
N ILE A 271 1.08 -14.76 -4.16
CA ILE A 271 2.00 -13.75 -3.64
C ILE A 271 3.16 -14.34 -2.87
N LEU A 272 4.24 -13.57 -2.77
CA LEU A 272 5.44 -13.97 -2.06
C LEU A 272 6.07 -12.70 -1.50
N ALA A 273 6.61 -12.80 -0.29
CA ALA A 273 7.27 -11.67 0.32
C ALA A 273 8.60 -11.51 -0.39
N TYR A 274 9.24 -10.36 -0.24
CA TYR A 274 10.53 -10.16 -0.88
C TYR A 274 11.60 -11.09 -0.28
N TYR A 275 11.51 -11.38 1.02
CA TYR A 275 12.50 -12.26 1.62
C TYR A 275 12.28 -13.69 1.15
N GLU A 276 11.05 -14.01 0.75
CA GLU A 276 10.74 -15.35 0.23
C GLU A 276 11.28 -15.41 -1.20
N ILE A 277 11.19 -14.28 -1.88
CA ILE A 277 11.67 -14.17 -3.26
C ILE A 277 13.19 -14.29 -3.32
N CYS A 278 13.88 -13.73 -2.34
CA CYS A 278 15.35 -13.83 -2.33
C CYS A 278 15.82 -15.28 -2.27
N ASP A 279 15.05 -16.10 -1.56
CA ASP A 279 15.38 -17.51 -1.45
C ASP A 279 15.02 -18.20 -2.77
N PHE A 280 13.91 -17.77 -3.37
CA PHE A 280 13.44 -18.31 -4.64
C PHE A 280 14.43 -18.08 -5.80
N LEU A 281 15.11 -16.93 -5.77
CA LEU A 281 16.06 -16.58 -6.83
C LEU A 281 17.17 -17.60 -7.08
N HIS A 282 17.56 -18.35 -6.07
CA HIS A 282 18.61 -19.36 -6.22
C HIS A 282 18.21 -20.46 -7.18
N GLY A 283 18.90 -20.53 -8.32
CA GLY A 283 18.60 -21.54 -9.31
C GLY A 283 17.48 -21.12 -10.24
N ALA A 284 17.12 -19.84 -10.17
CA ALA A 284 16.06 -19.29 -11.00
C ALA A 284 16.68 -18.40 -12.08
N THR A 285 15.96 -18.20 -13.17
CA THR A 285 16.43 -17.35 -14.26
C THR A 285 15.83 -15.96 -14.07
N THR A 286 16.69 -14.94 -14.08
CA THR A 286 16.26 -13.57 -13.90
C THR A 286 16.15 -12.81 -15.22
N HIS A 287 15.05 -12.10 -15.40
CA HIS A 287 14.82 -11.32 -16.60
C HIS A 287 14.36 -9.92 -16.18
N ARG A 288 14.37 -8.98 -17.11
CA ARG A 288 13.93 -7.63 -16.78
C ARG A 288 13.34 -6.95 -18.00
N PHE A 289 12.10 -6.49 -17.89
CA PHE A 289 11.44 -5.80 -18.99
C PHE A 289 12.15 -4.45 -19.12
N ARG A 290 12.70 -4.17 -20.30
CA ARG A 290 13.42 -2.91 -20.49
C ARG A 290 12.47 -1.71 -20.50
N ASP A 291 11.32 -1.86 -21.13
CA ASP A 291 10.36 -0.77 -21.22
C ASP A 291 9.66 -0.47 -19.89
N GLN A 292 9.18 -1.51 -19.22
CA GLN A 292 8.52 -1.31 -17.94
C GLN A 292 9.52 -1.09 -16.81
N GLN A 293 10.74 -1.56 -17.01
CA GLN A 293 11.82 -1.41 -16.04
C GLN A 293 11.56 -2.14 -14.73
N VAL A 294 11.00 -3.34 -14.82
CA VAL A 294 10.71 -4.18 -13.66
C VAL A 294 11.16 -5.60 -13.98
N PRO A 295 11.66 -6.33 -12.97
CA PRO A 295 12.11 -7.71 -13.20
C PRO A 295 11.09 -8.82 -12.94
N TYR A 296 11.49 -10.03 -13.32
CA TYR A 296 10.67 -11.21 -13.11
C TYR A 296 11.58 -12.43 -13.16
N ALA A 297 11.21 -13.48 -12.44
CA ALA A 297 12.04 -14.68 -12.42
C ALA A 297 11.20 -15.91 -12.70
N THR A 298 11.86 -16.98 -13.15
CA THR A 298 11.15 -18.22 -13.42
C THR A 298 12.00 -19.41 -12.96
N LYS A 299 11.31 -20.43 -12.46
CA LYS A 299 11.94 -21.65 -11.96
C LYS A 299 10.92 -22.75 -12.20
N GLY A 300 11.30 -23.76 -12.98
CA GLY A 300 10.37 -24.83 -13.28
C GLY A 300 9.13 -24.24 -13.92
N ASN A 301 7.98 -24.47 -13.30
CA ASN A 301 6.72 -23.93 -13.83
C ASN A 301 6.26 -22.70 -13.04
N GLN A 302 7.16 -22.14 -12.22
CA GLN A 302 6.82 -20.96 -11.43
C GLN A 302 7.34 -19.68 -12.09
N TRP A 303 6.47 -18.69 -12.23
CA TRP A 303 6.82 -17.40 -12.84
C TRP A 303 6.51 -16.31 -11.81
N VAL A 304 7.52 -15.52 -11.46
CA VAL A 304 7.36 -14.47 -10.46
C VAL A 304 7.68 -13.04 -10.89
N ALA A 305 6.70 -12.15 -10.76
CA ALA A 305 6.87 -10.73 -11.08
C ALA A 305 7.15 -10.03 -9.75
N TYR A 306 8.25 -9.28 -9.69
CA TYR A 306 8.57 -8.60 -8.44
C TYR A 306 9.33 -7.29 -8.63
N ASP A 307 9.79 -6.76 -7.51
CA ASP A 307 10.55 -5.53 -7.48
C ASP A 307 11.85 -5.74 -6.71
N ASP A 308 12.97 -5.24 -7.23
CA ASP A 308 14.23 -5.36 -6.51
C ASP A 308 14.75 -3.98 -6.14
N GLN A 309 15.95 -3.90 -5.58
CA GLN A 309 16.51 -2.62 -5.19
C GLN A 309 16.59 -1.63 -6.33
N GLU A 310 16.96 -2.13 -7.51
CA GLU A 310 17.08 -1.25 -8.65
C GLU A 310 15.75 -0.75 -9.23
N SER A 311 14.75 -1.62 -9.32
CA SER A 311 13.47 -1.19 -9.86
C SER A 311 12.79 -0.22 -8.89
N VAL A 312 13.03 -0.45 -7.61
CA VAL A 312 12.46 0.38 -6.56
C VAL A 312 13.15 1.76 -6.52
N LYS A 313 14.46 1.79 -6.77
CA LYS A 313 15.20 3.05 -6.79
C LYS A 313 14.75 3.82 -8.01
N ASN A 314 14.48 3.08 -9.08
CA ASN A 314 14.02 3.63 -10.34
C ASN A 314 12.70 4.37 -10.15
N LYS A 315 11.77 3.74 -9.47
CA LYS A 315 10.47 4.32 -9.22
C LYS A 315 10.60 5.56 -8.34
N ALA A 316 11.52 5.50 -7.38
CA ALA A 316 11.77 6.61 -6.47
C ALA A 316 12.26 7.86 -7.21
N ARG A 317 13.19 7.66 -8.15
CA ARG A 317 13.71 8.79 -8.93
C ARG A 317 12.60 9.40 -9.77
N TYR A 318 11.77 8.54 -10.36
CA TYR A 318 10.65 8.99 -11.17
C TYR A 318 9.71 9.84 -10.32
N LEU A 319 9.42 9.36 -9.13
CA LEU A 319 8.57 10.03 -8.16
C LEU A 319 9.10 11.44 -7.87
N LYS A 320 10.42 11.54 -7.68
CA LYS A 320 11.09 12.81 -7.40
C LYS A 320 11.07 13.76 -8.58
N ASN A 321 11.35 13.26 -9.78
CA ASN A 321 11.35 14.11 -10.97
C ASN A 321 9.99 14.77 -11.22
N ARG A 322 8.93 14.11 -10.79
CA ARG A 322 7.60 14.66 -10.96
C ARG A 322 7.18 15.45 -9.71
N GLN A 323 8.12 15.59 -8.79
CA GLN A 323 7.91 16.34 -7.56
C GLN A 323 6.70 15.92 -6.72
N LEU A 324 6.54 14.63 -6.50
CA LEU A 324 5.44 14.15 -5.69
C LEU A 324 5.83 14.23 -4.20
N ALA A 325 4.84 14.10 -3.33
CA ALA A 325 5.07 14.19 -1.89
C ALA A 325 6.04 13.12 -1.38
N GLY A 326 6.03 11.96 -2.00
CA GLY A 326 6.93 10.90 -1.57
C GLY A 326 6.51 9.51 -2.00
N ALA A 327 6.95 8.52 -1.23
CA ALA A 327 6.63 7.14 -1.53
C ALA A 327 5.82 6.46 -0.42
N MET A 328 5.12 5.39 -0.81
CA MET A 328 4.35 4.61 0.13
C MET A 328 4.83 3.18 -0.11
N VAL A 329 5.05 2.46 0.98
CA VAL A 329 5.50 1.08 0.87
C VAL A 329 4.51 0.09 1.46
N TRP A 330 4.24 -0.97 0.71
CA TRP A 330 3.36 -2.04 1.16
C TRP A 330 4.15 -3.32 0.91
N ALA A 331 4.66 -3.94 1.97
CA ALA A 331 4.51 -3.46 3.34
C ALA A 331 5.79 -3.84 4.08
N LEU A 332 6.04 -3.21 5.21
CA LEU A 332 7.24 -3.47 5.99
C LEU A 332 7.46 -4.95 6.34
N ASP A 333 6.40 -5.67 6.69
CA ASP A 333 6.53 -7.07 7.06
C ASP A 333 6.82 -8.02 5.91
N LEU A 334 6.69 -7.53 4.67
CA LEU A 334 6.95 -8.35 3.49
C LEU A 334 8.36 -8.10 2.94
N ASP A 335 9.01 -7.07 3.45
CA ASP A 335 10.37 -6.73 3.05
C ASP A 335 11.24 -7.65 3.95
N ASP A 336 12.54 -7.69 3.69
CA ASP A 336 13.41 -8.51 4.52
C ASP A 336 13.68 -7.74 5.82
N PHE A 337 12.69 -7.70 6.71
CA PHE A 337 12.83 -6.96 7.96
C PHE A 337 13.93 -7.46 8.90
N ARG A 338 14.17 -8.77 8.93
CA ARG A 338 15.23 -9.31 9.77
C ARG A 338 16.58 -9.04 9.09
N GLY A 339 16.55 -9.06 7.76
CA GLY A 339 17.75 -8.82 6.98
C GLY A 339 18.66 -10.04 6.89
N THR A 340 18.07 -11.22 7.02
CA THR A 340 18.83 -12.46 6.95
C THR A 340 18.52 -13.37 5.77
N PHE A 341 17.63 -12.93 4.88
CA PHE A 341 17.26 -13.75 3.73
C PHE A 341 17.90 -13.29 2.43
N CYS A 342 18.08 -11.99 2.27
CA CYS A 342 18.60 -11.43 1.03
C CYS A 342 20.07 -11.09 0.96
N GLY A 343 20.93 -12.10 1.04
CA GLY A 343 22.36 -11.85 0.97
C GLY A 343 22.75 -10.72 1.91
N GLN A 344 23.08 -9.56 1.33
CA GLN A 344 23.46 -8.39 2.12
C GLN A 344 22.73 -8.34 3.45
N ASN A 345 23.51 -8.35 4.53
CA ASN A 345 22.99 -8.35 5.89
C ASN A 345 22.18 -7.11 6.23
N LEU A 346 21.85 -6.32 5.21
CA LEU A 346 21.09 -5.10 5.40
C LEU A 346 19.62 -5.37 5.76
N THR A 347 19.10 -4.60 6.71
CA THR A 347 17.72 -4.74 7.17
C THR A 347 16.79 -3.86 6.29
N PHE A 348 15.60 -4.36 5.96
CA PHE A 348 14.66 -3.62 5.10
C PHE A 348 15.37 -3.14 3.82
N PRO A 349 15.93 -4.07 3.03
CA PRO A 349 16.65 -3.78 1.79
C PRO A 349 15.89 -2.88 0.81
N LEU A 350 14.64 -3.24 0.54
CA LEU A 350 13.81 -2.50 -0.38
C LEU A 350 13.41 -1.12 0.12
N THR A 351 12.93 -1.04 1.34
CA THR A 351 12.52 0.24 1.91
C THR A 351 13.70 1.21 2.09
N SER A 352 14.85 0.66 2.45
CA SER A 352 16.06 1.47 2.60
C SER A 352 16.49 2.05 1.27
N ALA A 353 16.37 1.23 0.22
CA ALA A 353 16.74 1.68 -1.11
C ALA A 353 15.90 2.90 -1.49
N VAL A 354 14.58 2.82 -1.25
CA VAL A 354 13.69 3.92 -1.56
C VAL A 354 14.14 5.16 -0.79
N LYS A 355 14.45 4.96 0.49
CA LYS A 355 14.89 6.05 1.34
C LYS A 355 16.19 6.70 0.86
N ASP A 356 17.13 5.89 0.38
CA ASP A 356 18.39 6.43 -0.13
C ASP A 356 18.14 7.45 -1.22
N VAL A 357 17.27 7.08 -2.17
CA VAL A 357 16.94 7.97 -3.28
C VAL A 357 16.30 9.26 -2.78
N LEU A 358 15.32 9.14 -1.91
CA LEU A 358 14.62 10.31 -1.37
C LEU A 358 15.49 11.25 -0.55
N ALA A 359 16.62 10.74 -0.05
CA ALA A 359 17.51 11.55 0.77
C ALA A 359 18.65 12.25 0.03
N ARG A 360 18.75 12.10 -1.29
CA ARG A 360 19.87 12.73 -2.00
C ARG A 360 19.67 13.95 -2.89
N VAL A 361 18.44 14.41 -3.10
CA VAL A 361 18.23 15.56 -3.98
C VAL A 361 18.55 15.19 -5.45
C1 NAG B . -15.72 -6.11 12.53
C2 NAG B . -15.65 -7.53 13.16
C3 NAG B . -16.93 -8.30 12.87
C4 NAG B . -18.22 -7.50 13.11
C5 NAG B . -18.07 -6.09 12.51
C6 NAG B . -19.25 -5.21 12.78
C7 NAG B . -13.67 -8.90 13.48
C8 NAG B . -12.48 -9.60 12.84
N2 NAG B . -14.49 -8.27 12.65
O3 NAG B . -16.99 -9.50 13.61
O4 NAG B . -19.20 -8.14 12.31
O5 NAG B . -16.89 -5.43 12.99
O6 NAG B . -19.68 -5.34 14.12
O7 NAG B . -13.81 -8.92 14.71
C1 NAG B . -20.33 -8.83 12.77
C2 NAG B . -20.60 -9.84 11.65
C3 NAG B . -21.68 -10.84 12.04
C4 NAG B . -21.88 -11.12 13.55
C5 NAG B . -21.32 -10.07 14.56
C6 NAG B . -21.02 -10.56 15.91
C7 NAG B . -22.18 -9.00 10.02
C8 NAG B . -23.21 -8.41 11.00
N2 NAG B . -20.92 -9.13 10.42
O3 NAG B . -21.36 -12.08 11.45
O4 NAG B . -23.29 -11.03 13.70
O5 NAG B . -20.11 -9.49 14.08
O6 NAG B . -19.86 -11.32 15.87
O7 NAG B . -22.54 -9.30 8.91
C1 MAN B . -24.08 -12.05 14.25
C2 MAN B . -24.76 -12.86 13.10
C3 MAN B . -26.22 -13.20 13.48
C4 MAN B . -26.45 -13.47 14.90
C5 MAN B . -26.03 -12.37 15.76
C6 MAN B . -25.29 -12.93 16.89
O2 MAN B . -24.10 -14.09 12.86
O3 MAN B . -26.61 -14.43 12.88
O4 MAN B . -27.84 -13.59 15.02
O5 MAN B . -25.12 -11.42 15.07
O6 MAN B . -24.60 -11.80 17.42
C1 MAN B . -27.05 -14.55 11.52
C2 MAN B . -28.02 -13.40 11.28
C3 MAN B . -28.44 -13.44 9.84
C4 MAN B . -27.27 -13.75 8.88
C5 MAN B . -26.33 -14.84 9.36
C6 MAN B . -25.04 -15.04 8.58
O2 MAN B . -27.39 -12.16 11.58
O3 MAN B . -29.02 -12.18 9.52
O4 MAN B . -27.83 -14.23 7.70
O5 MAN B . -25.93 -14.50 10.65
O6 MAN B . -24.75 -16.43 8.49
C1 MAN B . -25.43 -11.48 18.64
C2 MAN B . -24.51 -11.05 19.73
C3 MAN B . -24.87 -11.83 20.99
C4 MAN B . -26.40 -11.84 21.22
C5 MAN B . -27.17 -12.37 20.02
C6 MAN B . -28.22 -11.40 19.49
O2 MAN B . -24.68 -9.65 19.93
O3 MAN B . -24.19 -11.28 22.09
O4 MAN B . -26.67 -12.68 22.30
O5 MAN B . -26.25 -12.63 18.97
O6 MAN B . -28.90 -11.93 18.35
#